data_7QL7
#
_entry.id   7QL7
#
_cell.length_a   119.854
_cell.length_b   119.854
_cell.length_c   78.306
_cell.angle_alpha   90.000
_cell.angle_beta   90.000
_cell.angle_gamma   90.000
#
_symmetry.space_group_name_H-M   'P 43 21 2'
#
loop_
_entity.id
_entity.type
_entity.pdbx_description
1 polymer 'YTH domain-containing family protein 1'
2 non-polymer ~{N}-(2-morpholin-4-ylethyl)-2-sulfanyl-benzamide
3 non-polymer 1,2-ETHANEDIOL
4 non-polymer 'THIOCYANATE ION'
5 water water
#
_entity_poly.entity_id   1
_entity_poly.type   'polypeptide(L)'
_entity_poly.pdbx_seq_one_letter_code
;GSVESHPVLEKLKAAHSYNPKEFEWNLKSGRVFIIKSYSEDDIHRSIKYSIWCSTEHGNKRLDSAFRCMSSKGPVYLLFS
VNGSGHFCGVAEMKSPVDYGTSAGVWSQDKWKGKFDVQWIFVKDVPNNQLRHIRLENNDNKPVTNSRDTQEVPLEKAKQV
LKIISSYKHTTSIFDDFAHYEKRQAVVEVVRKERQSRNKQ
;
_entity_poly.pdbx_strand_id   A,B
#
loop_
_chem_comp.id
_chem_comp.type
_chem_comp.name
_chem_comp.formula
E3J non-polymer ~{N}-(2-morpholin-4-ylethyl)-2-sulfanyl-benzamide 'C13 H18 N2 O2 S'
EDO non-polymer 1,2-ETHANEDIOL 'C2 H6 O2'
SCN non-polymer 'THIOCYANATE ION' 'C N S -1'
#
# COMPACT_ATOMS: atom_id res chain seq x y z
N GLU A 4 -12.13 -26.40 11.76
CA GLU A 4 -10.98 -26.40 10.86
C GLU A 4 -9.96 -25.30 11.17
N SER A 5 -8.81 -25.68 11.70
CA SER A 5 -7.77 -24.71 12.02
C SER A 5 -6.57 -24.93 11.11
N HIS A 6 -6.04 -23.84 10.57
CA HIS A 6 -5.00 -23.92 9.56
C HIS A 6 -3.66 -24.33 10.19
N PRO A 7 -2.90 -25.23 9.56
CA PRO A 7 -1.60 -25.65 10.14
C PRO A 7 -0.57 -24.54 10.23
N VAL A 8 -0.60 -23.50 9.38
CA VAL A 8 0.37 -22.41 9.56
C VAL A 8 0.11 -21.72 10.89
N LEU A 9 -1.16 -21.43 11.16
CA LEU A 9 -1.56 -20.74 12.38
C LEU A 9 -1.32 -21.61 13.62
N GLU A 10 -1.57 -22.91 13.45
CA GLU A 10 -1.34 -23.91 14.54
C GLU A 10 0.15 -23.90 14.87
N LYS A 11 1.01 -23.88 13.84
CA LYS A 11 2.45 -23.86 14.06
C LYS A 11 2.86 -22.57 14.75
N LEU A 12 2.30 -21.43 14.31
CA LEU A 12 2.66 -20.13 14.93
C LEU A 12 2.20 -20.07 16.38
N LYS A 13 0.97 -20.51 16.66
CA LYS A 13 0.50 -20.44 18.04
C LYS A 13 1.31 -21.33 18.96
N ALA A 14 1.82 -22.46 18.47
CA ALA A 14 2.58 -23.33 19.37
C ALA A 14 3.99 -22.80 19.59
N ALA A 15 4.52 -22.03 18.65
CA ALA A 15 5.88 -21.51 18.75
C ALA A 15 5.95 -20.13 19.36
N HIS A 16 4.82 -19.47 19.63
CA HIS A 16 4.85 -18.13 20.16
C HIS A 16 3.78 -17.98 21.21
N SER A 17 4.02 -17.10 22.17
CA SER A 17 3.03 -16.87 23.22
C SER A 17 2.32 -15.56 22.91
N TYR A 18 1.31 -15.66 22.04
CA TYR A 18 0.57 -14.46 21.67
C TYR A 18 -0.35 -14.03 22.81
N ASN A 19 -0.52 -12.71 22.94
CA ASN A 19 -1.38 -12.13 23.95
C ASN A 19 -1.04 -12.64 25.37
N PRO A 20 0.21 -12.44 25.81
CA PRO A 20 0.62 -13.00 27.10
C PRO A 20 -0.11 -12.31 28.25
N LYS A 21 -0.48 -13.11 29.26
CA LYS A 21 -1.19 -12.59 30.43
C LYS A 21 -0.32 -11.67 31.26
N GLU A 22 0.97 -11.98 31.38
CA GLU A 22 1.88 -11.16 32.16
C GLU A 22 2.69 -10.40 31.13
N PHE A 23 2.22 -9.21 30.81
CA PHE A 23 2.95 -8.30 29.95
C PHE A 23 3.20 -7.03 30.72
N GLU A 24 4.43 -6.51 30.64
CA GLU A 24 4.82 -5.35 31.41
C GLU A 24 4.50 -4.11 30.58
N TRP A 25 3.34 -3.50 30.84
CA TRP A 25 2.97 -2.25 30.18
C TRP A 25 3.61 -1.03 30.84
N ASN A 26 4.01 -1.13 32.10
CA ASN A 26 4.59 0.01 32.82
C ASN A 26 6.09 0.01 32.54
N LEU A 27 6.44 0.45 31.32
CA LEU A 27 7.81 0.25 30.82
C LEU A 27 8.81 1.10 31.58
N LYS A 28 9.97 0.51 31.87
CA LYS A 28 11.02 1.26 32.54
C LYS A 28 11.81 2.11 31.55
N SER A 29 11.79 1.72 30.30
CA SER A 29 12.36 2.47 29.19
C SER A 29 11.76 1.89 27.92
N GLY A 30 12.12 2.48 26.79
CA GLY A 30 11.60 2.05 25.51
C GLY A 30 10.98 3.20 24.73
N ARG A 31 10.67 2.91 23.48
CA ARG A 31 10.04 3.84 22.55
C ARG A 31 8.97 3.11 21.78
N VAL A 32 7.90 3.83 21.46
CA VAL A 32 6.68 3.24 20.91
C VAL A 32 6.24 4.06 19.71
N PHE A 33 5.95 3.38 18.60
CA PHE A 33 5.60 4.01 17.33
C PHE A 33 4.34 3.37 16.78
N ILE A 34 3.56 4.21 16.10
CA ILE A 34 2.38 3.76 15.37
C ILE A 34 2.83 3.27 14.00
N ILE A 35 2.31 2.12 13.59
CA ILE A 35 2.46 1.62 12.22
C ILE A 35 1.08 1.63 11.58
N LYS A 36 0.97 2.30 10.42
CA LYS A 36 -0.25 2.33 9.63
C LYS A 36 -0.01 1.48 8.38
N SER A 37 -0.70 0.36 8.31
CA SER A 37 -0.56 -0.56 7.21
C SER A 37 -1.63 -0.32 6.17
N TYR A 38 -1.31 -0.69 4.95
CA TYR A 38 -2.17 -0.49 3.80
C TYR A 38 -3.20 -1.59 3.68
N SER A 39 -2.92 -2.78 4.22
CA SER A 39 -3.86 -3.87 4.07
C SER A 39 -3.67 -4.93 5.15
N GLU A 40 -4.76 -5.67 5.35
CA GLU A 40 -4.75 -6.86 6.18
C GLU A 40 -3.71 -7.85 5.72
N ASP A 41 -3.56 -7.99 4.39
CA ASP A 41 -2.64 -8.97 3.81
C ASP A 41 -1.23 -8.72 4.29
N ASP A 42 -0.84 -7.45 4.41
CA ASP A 42 0.49 -7.16 4.91
C ASP A 42 0.63 -7.54 6.37
N ILE A 43 -0.40 -7.29 7.18
CA ILE A 43 -0.38 -7.69 8.59
C ILE A 43 -0.23 -9.20 8.70
N HIS A 44 -1.04 -9.94 7.95
CA HIS A 44 -0.94 -11.39 7.95
C HIS A 44 0.46 -11.86 7.54
N ARG A 45 0.99 -11.24 6.49
CA ARG A 45 2.33 -11.60 6.02
C ARG A 45 3.37 -11.31 7.11
N SER A 46 3.23 -10.16 7.77
CA SER A 46 4.19 -9.79 8.81
C SER A 46 4.14 -10.74 10.00
N ILE A 47 2.93 -11.18 10.40
CA ILE A 47 2.81 -12.08 11.54
C ILE A 47 3.45 -13.42 11.22
N LYS A 48 3.27 -13.90 10.01
CA LYS A 48 3.73 -15.24 9.70
C LYS A 48 5.20 -15.29 9.29
N TYR A 49 5.81 -14.18 8.88
CA TYR A 49 7.23 -14.20 8.58
C TYR A 49 8.08 -13.38 9.54
N SER A 50 7.48 -12.66 10.49
CA SER A 50 8.23 -11.87 11.48
C SER A 50 9.11 -10.79 10.82
N ILE A 51 8.52 -10.08 9.84
CA ILE A 51 9.22 -9.00 9.15
C ILE A 51 8.24 -7.84 8.96
N TRP A 52 8.79 -6.65 8.79
CA TRP A 52 8.01 -5.50 8.36
C TRP A 52 8.85 -4.64 7.42
N CYS A 53 8.16 -3.93 6.51
CA CYS A 53 8.72 -2.90 5.64
C CYS A 53 7.87 -1.66 5.82
N SER A 54 8.48 -0.53 6.18
CA SER A 54 7.76 0.72 6.14
C SER A 54 8.07 1.43 4.81
N THR A 55 7.66 2.70 4.68
CA THR A 55 8.14 3.48 3.54
C THR A 55 9.63 3.75 3.70
N GLU A 56 10.21 4.38 2.67
CA GLU A 56 11.62 4.72 2.72
C GLU A 56 11.90 5.70 3.86
N HIS A 57 11.06 6.71 4.00
CA HIS A 57 11.18 7.63 5.13
C HIS A 57 10.86 6.95 6.45
N GLY A 58 9.78 6.15 6.49
CA GLY A 58 9.44 5.41 7.70
C GLY A 58 10.54 4.45 8.12
N ASN A 59 11.17 3.78 7.15
CA ASN A 59 12.24 2.85 7.49
C ASN A 59 13.40 3.58 8.16
N LYS A 60 13.75 4.78 7.65
CA LYS A 60 14.89 5.49 8.23
C LYS A 60 14.57 6.00 9.63
N ARG A 61 13.31 6.39 9.90
CA ARG A 61 12.92 6.76 11.26
C ARG A 61 12.99 5.58 12.21
N LEU A 62 12.49 4.41 11.80
CA LEU A 62 12.55 3.27 12.73
C LEU A 62 13.97 2.75 12.87
N ASP A 63 14.74 2.74 11.78
CA ASP A 63 16.15 2.35 11.86
C ASP A 63 16.88 3.19 12.89
N SER A 64 16.74 4.51 12.79
CA SER A 64 17.39 5.42 13.73
C SER A 64 16.97 5.13 15.16
N ALA A 65 15.67 4.89 15.40
CA ALA A 65 15.22 4.68 16.76
C ALA A 65 15.76 3.38 17.35
N PHE A 66 15.76 2.31 16.56
CA PHE A 66 16.24 1.02 17.04
C PHE A 66 17.71 1.07 17.38
N ARG A 67 18.51 1.74 16.54
CA ARG A 67 19.94 1.80 16.79
C ARG A 67 20.28 2.72 17.95
N CYS A 68 19.49 3.79 18.13
CA CYS A 68 19.63 4.63 19.31
C CYS A 68 19.26 3.89 20.59
N MET A 69 18.29 2.96 20.50
CA MET A 69 17.90 2.23 21.70
C MET A 69 18.97 1.25 22.14
N SER A 70 19.78 0.73 21.21
CA SER A 70 20.99 -0.05 21.52
C SER A 70 20.69 -1.13 22.56
N SER A 71 19.45 -1.64 22.54
CA SER A 71 18.97 -2.66 23.46
C SER A 71 19.01 -2.22 24.92
N LYS A 72 19.06 -0.90 25.20
CA LYS A 72 18.77 -0.42 26.55
C LYS A 72 17.27 -0.41 26.83
N GLY A 73 16.44 -0.77 25.85
CA GLY A 73 15.01 -0.94 26.05
C GLY A 73 14.33 -1.28 24.73
N PRO A 74 13.08 -1.72 24.80
CA PRO A 74 12.38 -2.16 23.59
C PRO A 74 11.95 -1.01 22.70
N VAL A 75 11.75 -1.34 21.43
CA VAL A 75 10.99 -0.52 20.50
C VAL A 75 9.73 -1.30 20.17
N TYR A 76 8.57 -0.81 20.58
CA TYR A 76 7.30 -1.44 20.27
C TYR A 76 6.59 -0.70 19.14
N LEU A 77 5.89 -1.47 18.33
CA LEU A 77 5.13 -0.98 17.19
C LEU A 77 3.66 -1.35 17.38
N LEU A 78 2.79 -0.34 17.30
CA LEU A 78 1.34 -0.48 17.44
C LEU A 78 0.71 -0.46 16.04
N PHE A 79 0.10 -1.58 15.62
CA PHE A 79 -0.37 -1.74 14.25
C PHE A 79 -1.84 -1.41 14.09
N SER A 80 -2.15 -0.72 13.00
CA SER A 80 -3.52 -0.44 12.58
C SER A 80 -3.55 -0.30 11.06
N VAL A 81 -4.54 -0.89 10.39
CA VAL A 81 -4.61 -0.59 8.97
C VAL A 81 -5.53 0.58 8.74
N ASN A 82 -5.13 1.41 7.79
CA ASN A 82 -5.83 2.61 7.41
C ASN A 82 -7.30 2.32 7.20
N GLY A 83 -8.13 3.07 7.92
CA GLY A 83 -9.56 2.98 7.78
C GLY A 83 -10.23 1.92 8.64
N SER A 84 -9.48 1.11 9.40
CA SER A 84 -10.10 -0.05 10.04
C SER A 84 -10.92 0.30 11.29
N GLY A 85 -10.59 1.36 12.01
CA GLY A 85 -11.32 1.59 13.24
C GLY A 85 -10.90 0.72 14.41
N HIS A 86 -9.79 0.00 14.31
CA HIS A 86 -9.23 -0.65 15.49
C HIS A 86 -7.74 -0.83 15.35
N PHE A 87 -7.05 -1.01 16.48
CA PHE A 87 -5.69 -1.52 16.44
C PHE A 87 -5.75 -3.04 16.42
N CYS A 88 -4.77 -3.66 15.76
CA CYS A 88 -4.81 -5.09 15.53
C CYS A 88 -3.69 -5.89 16.17
N GLY A 89 -2.69 -5.23 16.74
CA GLY A 89 -1.69 -5.95 17.49
C GLY A 89 -0.52 -5.04 17.79
N VAL A 90 0.48 -5.61 18.47
CA VAL A 90 1.73 -4.92 18.75
C VAL A 90 2.87 -5.90 18.56
N ALA A 91 3.94 -5.44 17.94
CA ALA A 91 5.16 -6.22 17.73
C ALA A 91 6.33 -5.45 18.30
N GLU A 92 7.41 -6.16 18.60
CA GLU A 92 8.62 -5.51 19.02
C GLU A 92 9.59 -5.50 17.84
N MET A 93 10.14 -4.33 17.52
CA MET A 93 11.18 -4.28 16.51
C MET A 93 12.40 -5.04 17.02
N LYS A 94 12.94 -5.96 16.21
CA LYS A 94 14.04 -6.82 16.68
C LYS A 94 15.32 -6.75 15.86
N SER A 95 15.41 -5.91 14.83
CA SER A 95 16.66 -5.77 14.08
C SER A 95 16.66 -4.41 13.42
N PRO A 96 17.83 -3.89 13.07
CA PRO A 96 17.87 -2.68 12.25
C PRO A 96 17.34 -2.97 10.86
N VAL A 97 17.10 -1.90 10.10
CA VAL A 97 16.57 -2.07 8.76
C VAL A 97 17.65 -2.62 7.84
N ASP A 98 17.25 -3.55 6.97
CA ASP A 98 18.14 -4.16 6.00
C ASP A 98 17.70 -3.77 4.60
N TYR A 99 18.62 -3.22 3.80
CA TYR A 99 18.31 -2.80 2.42
C TYR A 99 19.08 -3.67 1.44
N LYS A 112 13.78 -2.98 -0.84
CA LYS A 112 13.78 -1.58 -0.46
C LYS A 112 13.84 -1.31 1.05
N GLY A 113 13.93 -2.37 1.85
CA GLY A 113 14.05 -2.19 3.30
C GLY A 113 13.07 -2.92 4.20
N LYS A 114 13.55 -3.98 4.87
CA LYS A 114 12.79 -4.75 5.83
C LYS A 114 13.56 -4.93 7.13
N PHE A 115 12.83 -5.23 8.20
CA PHE A 115 13.45 -5.52 9.48
C PHE A 115 12.66 -6.58 10.23
N ASP A 116 13.35 -7.25 11.17
CA ASP A 116 12.72 -8.28 11.99
C ASP A 116 11.78 -7.69 13.02
N VAL A 117 10.64 -8.35 13.21
CA VAL A 117 9.71 -8.00 14.28
C VAL A 117 9.30 -9.27 14.97
N GLN A 118 8.90 -9.13 16.22
CA GLN A 118 8.37 -10.20 17.04
C GLN A 118 6.97 -9.78 17.48
N TRP A 119 5.96 -10.42 16.92
CA TRP A 119 4.59 -10.10 17.30
C TRP A 119 4.32 -10.61 18.70
N ILE A 120 3.69 -9.76 19.52
CA ILE A 120 3.38 -10.06 20.91
C ILE A 120 1.88 -10.10 21.15
N PHE A 121 1.17 -9.04 20.75
CA PHE A 121 -0.29 -9.01 20.84
C PHE A 121 -0.85 -9.09 19.44
N VAL A 122 -1.85 -9.97 19.28
CA VAL A 122 -2.62 -10.13 18.05
C VAL A 122 -4.07 -10.18 18.50
N LYS A 123 -4.78 -9.07 18.33
CA LYS A 123 -6.10 -8.92 18.91
C LYS A 123 -6.65 -7.57 18.47
N ASP A 124 -7.97 -7.45 18.27
CA ASP A 124 -8.55 -6.18 17.83
C ASP A 124 -8.99 -5.33 19.01
N VAL A 125 -8.50 -4.10 19.05
CA VAL A 125 -8.88 -3.14 20.09
C VAL A 125 -9.57 -1.98 19.38
N PRO A 126 -10.89 -1.84 19.50
CA PRO A 126 -11.60 -0.76 18.78
C PRO A 126 -11.03 0.60 19.15
N ASN A 127 -11.07 1.53 18.18
CA ASN A 127 -10.52 2.85 18.40
C ASN A 127 -11.21 3.58 19.55
N ASN A 128 -12.47 3.24 19.84
CA ASN A 128 -13.17 3.91 20.94
C ASN A 128 -12.60 3.60 22.31
N GLN A 129 -11.75 2.60 22.45
CA GLN A 129 -11.07 2.35 23.71
C GLN A 129 -9.80 3.16 23.86
N LEU A 130 -9.32 3.79 22.79
CA LEU A 130 -8.05 4.49 22.85
C LEU A 130 -8.14 5.95 22.47
N ARG A 131 -9.30 6.43 22.00
CA ARG A 131 -9.37 7.78 21.46
C ARG A 131 -9.15 8.84 22.53
N HIS A 132 -9.42 8.53 23.80
CA HIS A 132 -9.24 9.51 24.87
C HIS A 132 -7.75 9.82 25.10
N ILE A 133 -6.83 8.98 24.65
CA ILE A 133 -5.40 9.24 24.80
C ILE A 133 -4.93 10.13 23.66
N ARG A 134 -4.38 11.29 24.00
CA ARG A 134 -3.98 12.27 23.01
C ARG A 134 -2.48 12.52 23.10
N LEU A 135 -1.89 12.87 21.96
CA LEU A 135 -0.44 12.92 21.77
C LEU A 135 0.01 14.38 21.74
N GLU A 136 0.67 14.84 22.80
CA GLU A 136 1.11 16.23 22.88
C GLU A 136 2.02 16.60 21.70
N ASN A 137 2.79 15.64 21.18
CA ASN A 137 3.75 15.87 20.10
C ASN A 137 3.14 15.75 18.71
N ASN A 138 1.81 15.79 18.60
CA ASN A 138 1.14 15.77 17.30
C ASN A 138 -0.14 16.58 17.42
N ASP A 139 -0.01 17.84 17.83
CA ASP A 139 -1.14 18.78 17.90
C ASP A 139 -2.27 18.27 18.80
N ASN A 140 -1.91 17.50 19.83
CA ASN A 140 -2.85 16.92 20.78
C ASN A 140 -4.00 16.17 20.11
N LYS A 141 -3.70 15.52 18.97
CA LYS A 141 -4.70 14.67 18.31
C LYS A 141 -4.80 13.31 18.99
N PRO A 142 -5.97 12.66 18.92
CA PRO A 142 -6.09 11.29 19.41
C PRO A 142 -5.01 10.38 18.82
N VAL A 143 -4.55 9.44 19.64
CA VAL A 143 -3.55 8.46 19.18
C VAL A 143 -4.11 7.63 18.04
N THR A 144 -5.45 7.57 17.92
CA THR A 144 -6.16 6.85 16.86
C THR A 144 -6.23 7.62 15.55
N ASN A 145 -5.69 8.83 15.48
CA ASN A 145 -5.62 9.60 14.25
C ASN A 145 -4.16 9.93 13.93
N SER A 146 -3.28 8.94 14.09
CA SER A 146 -1.86 9.06 13.81
C SER A 146 -1.52 8.55 12.42
N ARG A 147 -0.40 9.04 11.90
CA ARG A 147 0.17 8.57 10.65
C ARG A 147 1.31 7.58 10.94
N ASP A 148 1.77 6.93 9.87
CA ASP A 148 2.74 5.86 9.97
C ASP A 148 4.05 6.36 10.62
N THR A 149 4.57 5.56 11.56
CA THR A 149 5.77 5.81 12.36
C THR A 149 5.63 7.03 13.28
N GLN A 150 4.40 7.47 13.54
CA GLN A 150 4.20 8.49 14.58
C GLN A 150 4.68 7.95 15.92
N GLU A 151 5.54 8.71 16.60
CA GLU A 151 6.02 8.25 17.90
C GLU A 151 5.03 8.63 19.00
N VAL A 152 4.85 7.72 19.95
CA VAL A 152 3.95 7.91 21.09
C VAL A 152 4.80 8.24 22.31
N PRO A 153 4.54 9.36 23.00
CA PRO A 153 5.32 9.65 24.22
C PRO A 153 5.17 8.55 25.25
N LEU A 154 6.22 8.37 26.06
CA LEU A 154 6.36 7.17 26.89
C LEU A 154 5.20 6.99 27.85
N GLU A 155 4.77 8.07 28.53
CA GLU A 155 3.67 7.95 29.48
C GLU A 155 2.36 7.60 28.77
N LYS A 156 2.10 8.21 27.62
CA LYS A 156 0.90 7.83 26.88
C LYS A 156 1.05 6.46 26.24
N ALA A 157 2.28 6.03 25.95
CA ALA A 157 2.47 4.67 25.46
C ALA A 157 2.12 3.66 26.53
N LYS A 158 2.45 3.94 27.81
CA LYS A 158 2.06 3.05 28.88
C LYS A 158 0.54 2.88 28.94
N GLN A 159 -0.20 3.97 28.73
CA GLN A 159 -1.66 3.91 28.81
C GLN A 159 -2.22 3.07 27.67
N VAL A 160 -1.67 3.24 26.48
CA VAL A 160 -2.08 2.45 25.32
C VAL A 160 -1.77 0.96 25.54
N LEU A 161 -0.54 0.66 25.95
CA LEU A 161 -0.14 -0.74 26.15
C LEU A 161 -0.94 -1.39 27.28
N LYS A 162 -1.31 -0.64 28.32
CA LYS A 162 -2.10 -1.23 29.39
C LYS A 162 -3.52 -1.56 28.92
N ILE A 163 -4.07 -0.71 28.05
CA ILE A 163 -5.40 -0.97 27.49
C ILE A 163 -5.35 -2.13 26.49
N ILE A 164 -4.33 -2.14 25.64
CA ILE A 164 -4.26 -3.19 24.64
C ILE A 164 -4.03 -4.53 25.32
N SER A 165 -3.13 -4.57 26.30
CA SER A 165 -2.84 -5.79 27.02
C SER A 165 -4.06 -6.33 27.73
N SER A 166 -4.87 -5.46 28.32
CA SER A 166 -5.95 -5.98 29.15
C SER A 166 -7.29 -6.08 28.42
N TYR A 167 -7.42 -5.50 27.24
CA TYR A 167 -8.71 -5.51 26.55
C TYR A 167 -9.14 -6.93 26.23
N LYS A 168 -10.39 -7.24 26.54
CA LYS A 168 -10.98 -8.56 26.33
C LYS A 168 -11.52 -8.60 24.90
N HIS A 169 -10.65 -8.94 23.97
CA HIS A 169 -10.99 -8.86 22.55
C HIS A 169 -11.92 -9.98 22.16
N THR A 170 -12.78 -9.70 21.17
CA THR A 170 -13.67 -10.71 20.63
C THR A 170 -13.16 -11.28 19.32
N THR A 171 -12.21 -10.61 18.67
CA THR A 171 -11.74 -11.14 17.40
C THR A 171 -10.34 -10.64 17.14
N SER A 172 -9.71 -11.22 16.13
CA SER A 172 -8.38 -10.84 15.70
C SER A 172 -8.25 -11.31 14.28
N ILE A 173 -7.17 -10.87 13.62
CA ILE A 173 -6.93 -11.28 12.24
C ILE A 173 -6.84 -12.79 12.13
N PHE A 174 -6.48 -13.48 13.22
CA PHE A 174 -6.38 -14.94 13.16
C PHE A 174 -7.71 -15.57 12.78
N ASP A 175 -8.83 -14.91 13.06
CA ASP A 175 -10.12 -15.50 12.72
C ASP A 175 -10.35 -15.56 11.22
N ASP A 176 -9.61 -14.77 10.43
CA ASP A 176 -9.68 -14.85 8.97
C ASP A 176 -8.41 -15.46 8.37
N PHE A 177 -7.68 -16.25 9.16
CA PHE A 177 -6.33 -16.66 8.75
C PHE A 177 -6.35 -17.47 7.47
N ALA A 178 -7.22 -18.49 7.38
CA ALA A 178 -7.26 -19.35 6.19
C ALA A 178 -7.59 -18.54 4.94
N HIS A 179 -8.45 -17.54 5.09
CA HIS A 179 -8.77 -16.61 4.01
C HIS A 179 -7.52 -15.90 3.49
N TYR A 180 -6.64 -15.41 4.38
CA TYR A 180 -5.43 -14.72 3.91
C TYR A 180 -4.44 -15.69 3.27
N GLU A 181 -4.38 -16.93 3.78
CA GLU A 181 -3.52 -17.94 3.17
C GLU A 181 -3.96 -18.21 1.74
N LYS A 182 -5.25 -18.48 1.54
CA LYS A 182 -5.71 -18.76 0.18
C LYS A 182 -5.49 -17.56 -0.73
N ARG A 183 -5.66 -16.33 -0.21
CA ARG A 183 -5.48 -15.13 -1.03
C ARG A 183 -4.03 -15.01 -1.50
N GLN A 184 -3.08 -15.23 -0.60
CA GLN A 184 -1.68 -15.21 -1.00
C GLN A 184 -1.40 -16.29 -2.05
N ALA A 185 -1.87 -17.51 -1.81
CA ALA A 185 -1.58 -18.61 -2.74
C ALA A 185 -2.16 -18.33 -4.13
N VAL A 186 -3.39 -17.81 -4.20
CA VAL A 186 -3.98 -17.52 -5.50
C VAL A 186 -3.23 -16.40 -6.19
N VAL A 187 -2.81 -15.37 -5.43
CA VAL A 187 -2.14 -14.22 -6.04
C VAL A 187 -0.84 -14.64 -6.72
N GLU A 188 -0.08 -15.54 -6.08
CA GLU A 188 1.17 -16.00 -6.67
C GLU A 188 0.94 -16.71 -7.99
N VAL A 189 -0.10 -17.55 -8.07
CA VAL A 189 -0.37 -18.26 -9.32
C VAL A 189 -0.84 -17.28 -10.39
N VAL A 190 -1.68 -16.30 -10.05
CA VAL A 190 -2.15 -15.33 -11.04
C VAL A 190 -0.95 -14.57 -11.61
N ARG A 191 0.04 -14.26 -10.78
CA ARG A 191 1.20 -13.52 -11.24
C ARG A 191 2.08 -14.38 -12.15
N LYS A 192 2.31 -15.63 -11.77
CA LYS A 192 3.14 -16.49 -12.60
C LYS A 192 2.51 -16.71 -13.98
N GLU A 193 1.20 -16.98 -14.02
CA GLU A 193 0.54 -17.14 -15.30
C GLU A 193 0.65 -15.87 -16.12
N ARG A 194 0.48 -14.72 -15.48
CA ARG A 194 0.55 -13.46 -16.19
C ARG A 194 1.96 -13.17 -16.68
N GLN A 195 2.96 -13.47 -15.85
CA GLN A 195 4.34 -13.30 -16.26
C GLN A 195 4.68 -14.27 -17.39
N SER A 196 4.13 -15.48 -17.31
CA SER A 196 4.38 -16.46 -18.35
C SER A 196 3.79 -16.02 -19.68
N ARG A 197 2.62 -15.36 -19.68
CA ARG A 197 2.04 -14.90 -20.94
C ARG A 197 2.81 -13.73 -21.53
N ASN A 198 3.62 -13.02 -20.73
CA ASN A 198 4.47 -11.94 -21.21
C ASN A 198 5.83 -12.44 -21.73
N LYS A 199 5.97 -13.74 -21.98
CA LYS A 199 7.19 -14.37 -22.49
C LYS A 199 6.85 -15.56 -23.37
N SER B 5 -15.34 -14.07 -19.44
CA SER B 5 -15.18 -12.61 -19.45
C SER B 5 -16.18 -11.94 -18.47
N HIS B 6 -15.70 -10.99 -17.63
CA HIS B 6 -16.57 -10.45 -16.58
C HIS B 6 -17.55 -9.43 -17.14
N PRO B 7 -18.81 -9.46 -16.69
CA PRO B 7 -19.79 -8.48 -17.18
C PRO B 7 -19.51 -7.04 -16.77
N VAL B 8 -18.81 -6.81 -15.66
CA VAL B 8 -18.41 -5.43 -15.36
C VAL B 8 -17.47 -4.92 -16.44
N LEU B 9 -16.53 -5.76 -16.87
CA LEU B 9 -15.54 -5.33 -17.84
C LEU B 9 -16.18 -4.97 -19.17
N GLU B 10 -17.22 -5.71 -19.56
CA GLU B 10 -17.92 -5.39 -20.80
C GLU B 10 -18.72 -4.10 -20.71
N LYS B 11 -19.27 -3.77 -19.53
CA LYS B 11 -19.91 -2.46 -19.35
C LYS B 11 -18.89 -1.33 -19.53
N LEU B 12 -17.69 -1.50 -18.96
CA LEU B 12 -16.63 -0.50 -19.07
C LEU B 12 -16.12 -0.38 -20.51
N LYS B 13 -15.94 -1.49 -21.22
CA LYS B 13 -15.46 -1.43 -22.59
C LYS B 13 -16.45 -0.72 -23.51
N ALA B 14 -17.74 -0.80 -23.19
CA ALA B 14 -18.75 -0.15 -24.00
C ALA B 14 -18.79 1.37 -23.73
N ALA B 15 -18.37 1.79 -22.54
CA ALA B 15 -18.38 3.20 -22.17
C ALA B 15 -17.05 3.91 -22.42
N HIS B 16 -15.97 3.19 -22.73
CA HIS B 16 -14.64 3.79 -22.86
C HIS B 16 -13.90 3.15 -24.02
N SER B 17 -12.98 3.92 -24.62
CA SER B 17 -12.16 3.49 -25.76
C SER B 17 -10.72 3.22 -25.30
N TYR B 18 -10.46 1.99 -24.86
CA TYR B 18 -9.12 1.62 -24.41
C TYR B 18 -8.19 1.34 -25.58
N ASN B 19 -6.90 1.62 -25.37
CA ASN B 19 -5.85 1.34 -26.35
C ASN B 19 -6.13 1.89 -27.75
N PRO B 20 -6.26 3.22 -27.88
CA PRO B 20 -6.57 3.78 -29.21
C PRO B 20 -5.43 3.52 -30.18
N LYS B 21 -5.78 3.30 -31.44
CA LYS B 21 -4.80 3.00 -32.51
C LYS B 21 -3.99 4.25 -32.82
N GLU B 22 -4.66 5.38 -32.79
CA GLU B 22 -4.07 6.68 -33.10
C GLU B 22 -3.97 7.44 -31.78
N PHE B 23 -2.77 7.46 -31.20
CA PHE B 23 -2.48 8.26 -30.02
C PHE B 23 -1.34 9.21 -30.34
N GLU B 24 -1.46 10.47 -29.92
CA GLU B 24 -0.39 11.42 -30.23
C GLU B 24 0.61 11.43 -29.08
N TRP B 25 1.70 10.67 -29.28
CA TRP B 25 2.83 10.62 -28.35
C TRP B 25 3.78 11.79 -28.56
N ASN B 26 3.77 12.42 -29.73
CA ASN B 26 4.63 13.56 -29.99
C ASN B 26 3.91 14.81 -29.48
N LEU B 27 3.90 14.95 -28.16
CA LEU B 27 3.05 15.97 -27.55
C LEU B 27 3.59 17.36 -27.85
N LYS B 28 2.67 18.25 -28.17
CA LYS B 28 3.05 19.64 -28.34
C LYS B 28 3.10 20.39 -27.01
N SER B 29 2.47 19.84 -25.98
CA SER B 29 2.63 20.29 -24.60
C SER B 29 2.13 19.17 -23.68
N GLY B 30 2.28 19.37 -22.38
CA GLY B 30 1.85 18.40 -21.39
C GLY B 30 2.94 18.04 -20.41
N ARG B 31 2.53 17.29 -19.37
CA ARG B 31 3.42 16.81 -18.34
C ARG B 31 3.08 15.35 -18.02
N VAL B 32 4.12 14.57 -17.70
CA VAL B 32 4.03 13.12 -17.58
C VAL B 32 4.69 12.68 -16.27
N PHE B 33 3.99 11.83 -15.52
CA PHE B 33 4.41 11.38 -14.19
C PHE B 33 4.33 9.87 -14.09
N ILE B 34 5.27 9.29 -13.34
CA ILE B 34 5.25 7.86 -13.03
C ILE B 34 4.36 7.65 -11.82
N ILE B 35 3.47 6.66 -11.89
CA ILE B 35 2.70 6.23 -10.73
C ILE B 35 3.16 4.83 -10.37
N LYS B 36 3.61 4.67 -9.14
CA LYS B 36 3.97 3.37 -8.61
C LYS B 36 2.86 2.97 -7.65
N SER B 37 2.13 1.93 -8.02
CA SER B 37 1.01 1.43 -7.23
C SER B 37 1.43 0.27 -6.35
N TYR B 38 0.69 0.12 -5.27
CA TYR B 38 1.05 -0.86 -4.26
C TYR B 38 0.54 -2.25 -4.60
N SER B 39 -0.52 -2.34 -5.43
CA SER B 39 -1.07 -3.63 -5.80
C SER B 39 -1.87 -3.55 -7.10
N GLU B 40 -2.04 -4.71 -7.72
CA GLU B 40 -2.96 -4.86 -8.83
C GLU B 40 -4.37 -4.38 -8.48
N ASP B 41 -4.82 -4.70 -7.26
CA ASP B 41 -6.20 -4.38 -6.86
C ASP B 41 -6.47 -2.90 -7.02
N ASP B 42 -5.48 -2.08 -6.67
CA ASP B 42 -5.66 -0.64 -6.83
C ASP B 42 -5.78 -0.25 -8.29
N ILE B 43 -5.02 -0.90 -9.20
CA ILE B 43 -5.17 -0.61 -10.63
C ILE B 43 -6.57 -0.95 -11.10
N HIS B 44 -7.06 -2.15 -10.72
CA HIS B 44 -8.40 -2.57 -11.05
C HIS B 44 -9.45 -1.59 -10.57
N ARG B 45 -9.28 -1.13 -9.33
CA ARG B 45 -10.19 -0.16 -8.75
C ARG B 45 -10.14 1.15 -9.53
N SER B 46 -8.94 1.58 -9.93
CA SER B 46 -8.80 2.83 -10.64
C SER B 46 -9.47 2.78 -12.01
N ILE B 47 -9.34 1.65 -12.70
CA ILE B 47 -9.94 1.51 -14.03
C ILE B 47 -11.46 1.50 -13.91
N LYS B 48 -11.94 0.87 -12.88
CA LYS B 48 -13.37 0.63 -12.79
C LYS B 48 -14.13 1.83 -12.25
N TYR B 49 -13.48 2.70 -11.47
CA TYR B 49 -14.13 3.88 -10.94
C TYR B 49 -13.57 5.17 -11.53
N SER B 50 -12.54 5.09 -12.38
CA SER B 50 -11.95 6.28 -13.01
C SER B 50 -11.45 7.25 -11.94
N ILE B 51 -10.77 6.70 -10.95
CA ILE B 51 -10.31 7.41 -9.76
C ILE B 51 -8.86 7.01 -9.45
N TRP B 52 -8.09 7.91 -8.82
CA TRP B 52 -6.80 7.56 -8.26
C TRP B 52 -6.54 8.31 -6.97
N CYS B 53 -5.82 7.67 -6.05
CA CYS B 53 -5.29 8.25 -4.82
C CYS B 53 -3.80 7.93 -4.76
N SER B 54 -2.97 8.95 -4.68
CA SER B 54 -1.55 8.77 -4.37
C SER B 54 -1.35 8.92 -2.86
N THR B 55 -0.09 8.99 -2.42
CA THR B 55 0.17 9.35 -1.03
C THR B 55 -0.23 10.81 -0.82
N GLU B 56 -0.07 11.26 0.43
CA GLU B 56 -0.41 12.65 0.80
C GLU B 56 0.54 13.59 0.06
N HIS B 57 1.83 13.31 0.08
CA HIS B 57 2.75 14.17 -0.66
C HIS B 57 2.55 14.02 -2.16
N GLY B 58 2.36 12.79 -2.63
CA GLY B 58 2.09 12.58 -4.05
C GLY B 58 0.84 13.30 -4.53
N ASN B 59 -0.22 13.31 -3.70
CA ASN B 59 -1.45 13.98 -4.10
C ASN B 59 -1.23 15.49 -4.29
N LYS B 60 -0.43 16.10 -3.42
CA LYS B 60 -0.21 17.54 -3.53
C LYS B 60 0.66 17.88 -4.73
N ARG B 61 1.64 17.02 -5.06
CA ARG B 61 2.44 17.24 -6.26
C ARG B 61 1.59 17.18 -7.52
N LEU B 62 0.70 16.18 -7.62
CA LEU B 62 -0.15 16.07 -8.81
C LEU B 62 -1.24 17.14 -8.84
N ASP B 63 -1.79 17.52 -7.68
CA ASP B 63 -2.72 18.66 -7.64
C ASP B 63 -2.03 19.92 -8.18
N SER B 64 -0.83 20.21 -7.70
CA SER B 64 -0.09 21.40 -8.15
C SER B 64 0.12 21.39 -9.66
N ALA B 65 0.53 20.24 -10.20
CA ALA B 65 0.82 20.15 -11.64
C ALA B 65 -0.46 20.30 -12.47
N PHE B 66 -1.56 19.71 -12.00
CA PHE B 66 -2.82 19.79 -12.74
C PHE B 66 -3.34 21.22 -12.78
N ARG B 67 -3.29 21.92 -11.65
CA ARG B 67 -3.81 23.29 -11.62
C ARG B 67 -2.91 24.29 -12.31
N CYS B 68 -1.59 24.10 -12.23
CA CYS B 68 -0.67 24.96 -12.98
C CYS B 68 -0.82 24.74 -14.49
N MET B 69 -1.09 23.49 -14.89
CA MET B 69 -1.21 23.19 -16.32
C MET B 69 -2.50 23.78 -16.89
N SER B 70 -3.56 23.86 -16.08
CA SER B 70 -4.77 24.62 -16.43
C SER B 70 -5.28 24.29 -17.84
N SER B 71 -5.08 23.05 -18.28
CA SER B 71 -5.48 22.53 -19.59
C SER B 71 -4.74 23.17 -20.78
N LYS B 72 -3.54 23.74 -20.57
CA LYS B 72 -2.67 24.05 -21.70
C LYS B 72 -2.00 22.79 -22.24
N GLY B 73 -2.23 21.65 -21.60
CA GLY B 73 -1.82 20.37 -22.09
C GLY B 73 -2.24 19.29 -21.10
N PRO B 74 -2.22 18.04 -21.54
CA PRO B 74 -2.65 16.94 -20.66
C PRO B 74 -1.63 16.66 -19.58
N VAL B 75 -2.10 16.01 -18.52
CA VAL B 75 -1.23 15.38 -17.53
C VAL B 75 -1.43 13.87 -17.65
N TYR B 76 -0.41 13.18 -18.11
CA TYR B 76 -0.48 11.73 -18.29
C TYR B 76 0.25 11.06 -17.14
N LEU B 77 -0.29 9.90 -16.74
CA LEU B 77 0.24 9.10 -15.64
C LEU B 77 0.62 7.72 -16.19
N LEU B 78 1.86 7.32 -15.98
CA LEU B 78 2.35 6.02 -16.42
C LEU B 78 2.35 5.08 -15.22
N PHE B 79 1.50 4.07 -15.25
CA PHE B 79 1.28 3.22 -14.10
C PHE B 79 2.17 1.99 -14.16
N SER B 80 2.74 1.63 -13.01
CA SER B 80 3.49 0.41 -12.80
C SER B 80 3.31 0.00 -11.35
N VAL B 81 3.09 -1.30 -11.11
CA VAL B 81 2.99 -1.80 -9.75
C VAL B 81 4.36 -2.28 -9.28
N ASN B 82 4.68 -1.93 -8.04
CA ASN B 82 5.96 -2.23 -7.42
C ASN B 82 6.31 -3.71 -7.56
N GLY B 83 7.47 -3.97 -8.13
CA GLY B 83 7.99 -5.32 -8.28
C GLY B 83 7.51 -6.06 -9.50
N SER B 84 6.59 -5.49 -10.29
CA SER B 84 5.98 -6.25 -11.38
C SER B 84 6.92 -6.42 -12.56
N GLY B 85 7.87 -5.51 -12.75
CA GLY B 85 8.75 -5.58 -13.89
C GLY B 85 8.12 -5.15 -15.21
N HIS B 86 6.93 -4.55 -15.19
CA HIS B 86 6.35 -4.00 -16.40
C HIS B 86 5.46 -2.82 -16.02
N PHE B 87 5.21 -1.96 -17.00
CA PHE B 87 4.18 -0.95 -16.89
C PHE B 87 2.84 -1.52 -17.37
N CYS B 88 1.76 -1.04 -16.77
CA CYS B 88 0.46 -1.64 -17.03
C CYS B 88 -0.56 -0.75 -17.70
N GLY B 89 -0.29 0.54 -17.86
CA GLY B 89 -1.23 1.38 -18.56
C GLY B 89 -0.89 2.84 -18.42
N VAL B 90 -1.71 3.66 -19.06
CA VAL B 90 -1.55 5.11 -19.04
C VAL B 90 -2.93 5.71 -18.85
N ALA B 91 -3.03 6.69 -17.97
CA ALA B 91 -4.27 7.42 -17.76
C ALA B 91 -3.98 8.91 -17.84
N GLU B 92 -5.03 9.68 -18.09
CA GLU B 92 -4.94 11.13 -18.03
C GLU B 92 -5.64 11.60 -16.77
N MET B 93 -4.98 12.49 -16.02
CA MET B 93 -5.60 13.13 -14.86
C MET B 93 -6.72 14.07 -15.34
N LYS B 94 -7.91 13.98 -14.72
CA LYS B 94 -9.06 14.74 -15.20
C LYS B 94 -9.71 15.69 -14.20
N SER B 95 -9.15 15.85 -12.99
CA SER B 95 -9.68 16.79 -12.01
C SER B 95 -8.59 17.13 -11.01
N PRO B 96 -8.71 18.25 -10.29
CA PRO B 96 -7.84 18.47 -9.14
C PRO B 96 -8.18 17.49 -8.02
N VAL B 97 -7.32 17.46 -7.00
CA VAL B 97 -7.53 16.54 -5.87
C VAL B 97 -8.71 17.01 -5.03
N ASP B 98 -9.53 16.06 -4.60
CA ASP B 98 -10.76 16.33 -3.86
C ASP B 98 -10.64 15.81 -2.42
N TYR B 99 -10.90 16.70 -1.46
CA TYR B 99 -10.86 16.40 -0.02
C TYR B 99 -12.23 16.56 0.66
N LYS B 112 -9.90 12.44 2.80
CA LYS B 112 -8.79 11.78 2.09
C LYS B 112 -8.85 12.18 0.61
N GLY B 113 -7.68 12.37 0.01
CA GLY B 113 -7.55 12.85 -1.36
C GLY B 113 -7.70 11.87 -2.53
N LYS B 114 -8.67 12.12 -3.41
CA LYS B 114 -8.89 11.34 -4.61
C LYS B 114 -9.05 12.27 -5.81
N PHE B 115 -8.72 11.76 -7.02
CA PHE B 115 -8.95 12.56 -8.22
C PHE B 115 -9.39 11.67 -9.38
N ASP B 116 -10.10 12.30 -10.33
CA ASP B 116 -10.58 11.61 -11.52
C ASP B 116 -9.45 11.35 -12.52
N VAL B 117 -9.46 10.15 -13.11
CA VAL B 117 -8.54 9.83 -14.19
C VAL B 117 -9.33 9.19 -15.32
N GLN B 118 -8.81 9.33 -16.54
CA GLN B 118 -9.41 8.67 -17.69
C GLN B 118 -8.34 7.76 -18.25
N TRP B 119 -8.57 6.46 -18.13
CA TRP B 119 -7.62 5.48 -18.62
C TRP B 119 -7.63 5.41 -20.14
N ILE B 120 -6.46 5.45 -20.74
CA ILE B 120 -6.30 5.47 -22.17
C ILE B 120 -5.69 4.16 -22.67
N PHE B 121 -4.57 3.77 -22.10
CA PHE B 121 -3.95 2.49 -22.43
C PHE B 121 -4.09 1.55 -21.25
N VAL B 122 -4.48 0.31 -21.53
CA VAL B 122 -4.51 -0.77 -20.53
C VAL B 122 -3.84 -1.94 -21.22
N LYS B 123 -2.58 -2.20 -20.87
CA LYS B 123 -1.75 -3.15 -21.58
C LYS B 123 -0.44 -3.30 -20.83
N ASP B 124 0.16 -4.50 -20.89
CA ASP B 124 1.42 -4.76 -20.21
C ASP B 124 2.59 -4.50 -21.14
N VAL B 125 3.48 -3.61 -20.72
CA VAL B 125 4.68 -3.30 -21.49
C VAL B 125 5.89 -3.64 -20.63
N PRO B 126 6.62 -4.72 -20.95
CA PRO B 126 7.74 -5.14 -20.11
C PRO B 126 8.76 -4.02 -19.93
N ASN B 127 9.43 -4.04 -18.77
CA ASN B 127 10.48 -3.05 -18.50
C ASN B 127 11.59 -3.11 -19.54
N ASN B 128 11.73 -4.24 -20.25
CA ASN B 128 12.79 -4.37 -21.25
C ASN B 128 12.57 -3.46 -22.45
N GLN B 129 11.36 -2.92 -22.64
CA GLN B 129 11.15 -1.99 -23.74
C GLN B 129 11.37 -0.54 -23.37
N LEU B 130 11.55 -0.23 -22.08
CA LEU B 130 11.68 1.15 -21.65
C LEU B 130 12.95 1.45 -20.85
N ARG B 131 13.73 0.44 -20.49
CA ARG B 131 14.86 0.65 -19.58
C ARG B 131 15.94 1.54 -20.19
N HIS B 132 16.06 1.58 -21.51
CA HIS B 132 17.09 2.40 -22.14
C HIS B 132 16.82 3.90 -22.00
N ILE B 133 15.58 4.28 -21.72
CA ILE B 133 15.22 5.68 -21.55
C ILE B 133 15.58 6.10 -20.13
N ARG B 134 16.43 7.11 -20.01
CA ARG B 134 16.98 7.54 -18.74
C ARG B 134 16.63 9.00 -18.46
N LEU B 135 16.52 9.35 -17.18
CA LEU B 135 16.01 10.64 -16.75
C LEU B 135 17.15 11.51 -16.23
N GLU B 136 17.47 12.56 -16.99
CA GLU B 136 18.51 13.50 -16.55
C GLU B 136 18.16 14.10 -15.18
N ASN B 137 16.87 14.23 -14.88
CA ASN B 137 16.39 14.83 -13.64
C ASN B 137 16.29 13.82 -12.49
N ASN B 138 16.92 12.65 -12.61
CA ASN B 138 17.03 11.73 -11.49
C ASN B 138 18.25 10.83 -11.66
N ASP B 139 19.44 11.46 -11.68
CA ASP B 139 20.74 10.79 -11.67
C ASP B 139 20.95 9.88 -12.88
N ASN B 140 20.25 10.20 -13.96
CA ASN B 140 20.29 9.39 -15.21
C ASN B 140 19.87 7.96 -14.90
N LYS B 141 19.01 7.76 -13.89
CA LYS B 141 18.52 6.40 -13.67
C LYS B 141 17.50 6.03 -14.76
N PRO B 142 17.42 4.75 -15.13
CA PRO B 142 16.37 4.34 -16.06
C PRO B 142 15.01 4.74 -15.52
N VAL B 143 14.11 5.10 -16.44
CA VAL B 143 12.76 5.45 -16.04
C VAL B 143 12.08 4.27 -15.38
N THR B 144 12.56 3.05 -15.63
CA THR B 144 12.01 1.85 -15.01
C THR B 144 12.42 1.69 -13.56
N ASN B 145 13.21 2.61 -13.02
CA ASN B 145 13.59 2.65 -11.61
C ASN B 145 13.19 3.97 -10.97
N SER B 146 11.99 4.44 -11.30
CA SER B 146 11.45 5.67 -10.75
C SER B 146 10.58 5.37 -9.53
N ARG B 147 10.45 6.38 -8.68
CA ARG B 147 9.59 6.33 -7.52
C ARG B 147 8.25 6.99 -7.88
N ASP B 148 7.27 6.84 -6.99
CA ASP B 148 5.91 7.32 -7.27
C ASP B 148 5.88 8.84 -7.44
N THR B 149 5.19 9.30 -8.50
CA THR B 149 5.07 10.70 -8.94
C THR B 149 6.38 11.31 -9.44
N GLN B 150 7.36 10.49 -9.82
CA GLN B 150 8.51 11.00 -10.53
C GLN B 150 8.06 11.63 -11.86
N GLU B 151 8.47 12.87 -12.13
CA GLU B 151 8.11 13.53 -13.38
C GLU B 151 9.12 13.19 -14.48
N VAL B 152 8.61 13.00 -15.69
CA VAL B 152 9.42 12.62 -16.85
C VAL B 152 9.60 13.83 -17.75
N PRO B 153 10.84 14.20 -18.10
CA PRO B 153 11.03 15.31 -19.05
C PRO B 153 10.33 15.02 -20.36
N LEU B 154 9.84 16.09 -20.99
CA LEU B 154 8.88 15.92 -22.08
C LEU B 154 9.49 15.11 -23.23
N GLU B 155 10.77 15.35 -23.54
CA GLU B 155 11.37 14.62 -24.65
C GLU B 155 11.45 13.13 -24.37
N LYS B 156 11.82 12.74 -23.14
CA LYS B 156 11.79 11.32 -22.83
C LYS B 156 10.40 10.78 -22.64
N ALA B 157 9.43 11.63 -22.25
CA ALA B 157 8.05 11.19 -22.13
C ALA B 157 7.48 10.78 -23.48
N LYS B 158 7.84 11.54 -24.53
CA LYS B 158 7.45 11.18 -25.89
C LYS B 158 8.00 9.81 -26.26
N GLN B 159 9.25 9.53 -25.86
CA GLN B 159 9.86 8.24 -26.18
C GLN B 159 9.15 7.11 -25.45
N VAL B 160 8.73 7.37 -24.21
CA VAL B 160 7.98 6.37 -23.46
C VAL B 160 6.60 6.16 -24.08
N LEU B 161 5.87 7.27 -24.28
CA LEU B 161 4.50 7.14 -24.79
C LEU B 161 4.48 6.49 -26.16
N LYS B 162 5.49 6.75 -26.99
CA LYS B 162 5.50 6.12 -28.29
C LYS B 162 5.76 4.63 -28.19
N ILE B 163 6.61 4.22 -27.23
CA ILE B 163 6.85 2.80 -27.03
C ILE B 163 5.59 2.13 -26.49
N ILE B 164 4.94 2.77 -25.50
CA ILE B 164 3.77 2.15 -24.89
C ILE B 164 2.61 2.07 -25.89
N SER B 165 2.36 3.17 -26.61
CA SER B 165 1.23 3.19 -27.54
C SER B 165 1.36 2.13 -28.62
N SER B 166 2.57 1.89 -29.10
CA SER B 166 2.77 1.00 -30.23
C SER B 166 3.10 -0.44 -29.83
N TYR B 167 3.37 -0.70 -28.55
CA TYR B 167 3.79 -2.04 -28.16
C TYR B 167 2.69 -3.07 -28.40
N LYS B 168 3.04 -4.17 -29.06
CA LYS B 168 2.08 -5.24 -29.38
C LYS B 168 2.00 -6.17 -28.17
N HIS B 169 1.17 -5.79 -27.20
CA HIS B 169 1.11 -6.51 -25.93
C HIS B 169 0.35 -7.82 -26.06
N THR B 170 0.75 -8.79 -25.24
CA THR B 170 0.08 -10.08 -25.21
C THR B 170 -0.91 -10.21 -24.05
N THR B 171 -0.81 -9.34 -23.04
CA THR B 171 -1.70 -9.46 -21.90
C THR B 171 -1.87 -8.11 -21.20
N SER B 172 -2.83 -8.07 -20.27
CA SER B 172 -3.12 -6.90 -19.45
C SER B 172 -3.93 -7.35 -18.23
N ILE B 173 -4.18 -6.39 -17.33
CA ILE B 173 -5.00 -6.66 -16.15
C ILE B 173 -6.39 -7.12 -16.53
N PHE B 174 -6.89 -6.77 -17.72
CA PHE B 174 -8.22 -7.20 -18.11
C PHE B 174 -8.33 -8.72 -18.15
N ASP B 175 -7.22 -9.43 -18.37
CA ASP B 175 -7.29 -10.89 -18.46
C ASP B 175 -7.58 -11.55 -17.11
N ASP B 176 -7.36 -10.84 -16.01
CA ASP B 176 -7.64 -11.30 -14.65
C ASP B 176 -8.76 -10.51 -13.98
N PHE B 177 -9.63 -9.92 -14.79
CA PHE B 177 -10.57 -8.95 -14.27
C PHE B 177 -11.51 -9.58 -13.25
N ALA B 178 -12.03 -10.77 -13.57
CA ALA B 178 -12.94 -11.44 -12.65
C ALA B 178 -12.25 -11.79 -11.33
N HIS B 179 -10.97 -12.14 -11.40
CA HIS B 179 -10.18 -12.36 -10.20
C HIS B 179 -10.19 -11.13 -9.30
N TYR B 180 -10.00 -9.93 -9.87
CA TYR B 180 -10.01 -8.74 -9.02
C TYR B 180 -11.42 -8.40 -8.54
N GLU B 181 -12.45 -8.67 -9.36
CA GLU B 181 -13.83 -8.46 -8.90
C GLU B 181 -14.13 -9.30 -7.68
N LYS B 182 -13.84 -10.60 -7.76
CA LYS B 182 -14.15 -11.48 -6.64
C LYS B 182 -13.35 -11.08 -5.40
N ARG B 183 -12.10 -10.63 -5.59
CA ARG B 183 -11.28 -10.22 -4.45
C ARG B 183 -11.87 -8.97 -3.80
N GLN B 184 -12.32 -8.01 -4.60
CA GLN B 184 -12.99 -6.84 -4.04
C GLN B 184 -14.20 -7.26 -3.21
N ALA B 185 -15.06 -8.13 -3.76
CA ALA B 185 -16.30 -8.49 -3.07
C ALA B 185 -16.03 -9.19 -1.74
N VAL B 186 -15.05 -10.11 -1.69
CA VAL B 186 -14.81 -10.86 -0.47
C VAL B 186 -14.25 -9.95 0.64
N VAL B 187 -13.40 -8.99 0.26
CA VAL B 187 -12.80 -8.10 1.25
C VAL B 187 -13.89 -7.29 1.95
N GLU B 188 -14.89 -6.85 1.19
CA GLU B 188 -15.98 -6.09 1.77
C GLU B 188 -16.75 -6.92 2.79
N VAL B 189 -17.02 -8.20 2.47
CA VAL B 189 -17.70 -9.06 3.43
C VAL B 189 -16.83 -9.31 4.67
N VAL B 190 -15.53 -9.56 4.46
CA VAL B 190 -14.62 -9.82 5.57
C VAL B 190 -14.53 -8.64 6.53
N ARG B 191 -14.54 -7.41 5.99
CA ARG B 191 -14.44 -6.23 6.85
C ARG B 191 -15.75 -5.98 7.60
N LYS B 192 -16.89 -6.13 6.91
CA LYS B 192 -18.18 -5.98 7.59
C LYS B 192 -18.35 -6.99 8.73
N GLU B 193 -18.03 -8.27 8.47
CA GLU B 193 -18.16 -9.30 9.50
C GLU B 193 -17.23 -9.01 10.67
N ARG B 194 -16.01 -8.59 10.38
CA ARG B 194 -15.06 -8.32 11.44
C ARG B 194 -15.47 -7.11 12.27
N GLN B 195 -16.03 -6.10 11.61
CA GLN B 195 -16.52 -4.94 12.35
C GLN B 195 -17.69 -5.31 13.26
N SER B 196 -18.57 -6.19 12.79
CA SER B 196 -19.70 -6.57 13.64
C SER B 196 -19.24 -7.41 14.83
N ARG B 197 -18.22 -8.28 14.65
CA ARG B 197 -17.78 -9.07 15.79
C ARG B 197 -17.09 -8.21 16.86
N ASN B 198 -16.66 -7.00 16.50
CA ASN B 198 -16.02 -6.05 17.40
C ASN B 198 -17.01 -5.19 18.20
N LYS B 199 -18.24 -5.66 18.40
CA LYS B 199 -19.23 -4.85 19.11
C LYS B 199 -20.05 -5.73 20.04
C10 E3J C . 5.14 0.88 2.56
C13 E3J C . 4.31 -6.51 4.26
C15 E3J C . 5.93 -7.56 5.69
C02 E3J C . 4.97 -5.45 2.06
C04 E3J C . 4.14 -3.44 0.79
C05 E3J C . 3.73 -1.97 1.01
C07 E3J C . 5.81 -1.32 1.01
C14 E3J C . 4.63 -7.19 5.42
C16 E3J C . 6.93 -7.26 4.78
C08 E3J C . 6.82 -0.35 1.63
C11 E3J C . 4.10 -0.12 2.04
C12 E3J C . 5.32 -6.20 3.35
C17 E3J C . 6.61 -6.58 3.62
N03 E3J C . 4.47 -4.08 2.08
N06 E3J C . 4.61 -1.36 1.71
O01 E3J C . 5.11 -6.01 1.02
O09 E3J C . 6.27 0.91 1.76
S18 E3J C . 7.92 -6.17 2.45
C1 EDO D . 5.53 -14.59 14.83
O1 EDO D . 4.14 -14.23 14.71
C2 EDO D . 6.23 -13.64 15.81
O2 EDO D . 6.87 -12.58 15.11
S SCN E . -5.42 -6.87 10.26
C SCN E . -6.61 -5.52 10.33
N SCN E . -7.40 -4.63 10.38
C10 E3J F . -3.86 5.89 0.24
C13 E3J F . -6.83 2.72 -5.19
C15 E3J F . -8.02 4.25 -6.59
C02 E3J F . -6.73 2.91 -2.70
C04 E3J F . -4.77 2.11 -1.25
C05 E3J F . -3.29 2.60 -1.12
C07 E3J F . -1.99 4.40 -1.20
C14 E3J F . -7.23 3.12 -6.45
C16 E3J F . -8.41 4.94 -5.46
C08 E3J F . -1.63 5.64 -0.38
C11 E3J F . -4.20 4.64 -0.58
C12 E3J F . -7.21 3.41 -4.07
C17 E3J F . -8.01 4.53 -4.20
N03 E3J F . -5.31 2.58 -2.54
N06 E3J F . -3.11 3.79 -0.65
O01 E3J F . -7.47 2.79 -1.79
O09 E3J F . -2.69 6.51 -0.19
S18 E3J F . -8.52 5.52 -2.78
S SCN G . -2.14 -4.43 -12.95
C SCN G . -0.41 -4.85 -12.71
N SCN G . 0.74 -5.11 -12.63
#